data_9CMK
#
_entry.id   9CMK
#
_cell.length_a   40.092
_cell.length_b   91.230
_cell.length_c   46.800
_cell.angle_alpha   90.00
_cell.angle_beta   112.40
_cell.angle_gamma   90.00
#
_symmetry.space_group_name_H-M   'P 1 21 1'
#
loop_
_entity.id
_entity.type
_entity.pdbx_description
1 polymer 'Phosphatidylinositol 4,5-bisphosphate 3-kinase catalytic subunit alpha isoform'
2 non-polymer 2-[3-fluoro-4-({(7P)-7-[2-(2-methoxyethoxy)phenyl]thieno[2,3-d]pyridazin-4-yl}amino)phenyl]acetamide
3 non-polymer 'MAGNESIUM ION'
4 non-polymer (4R)-2-METHYLPENTANE-2,4-DIOL
5 non-polymer (4S)-2-METHYL-2,4-PENTANEDIOL
6 water water
#
_entity_poly.entity_id   1
_entity_poly.type   'polypeptide(L)'
_entity_poly.pdbx_seq_one_letter_code
;HSRAMYVYPPNVESSPELPKHIYNKLDKGQIIVVIWVIVSPNNDKQKYTLKINHDCVPEQVIAEAIRKKTRSMLLSSEQL
KLCVLEYQGKYILKVCGCDEYFLEKYPLSQYKYIRSCIMLGRMPNLMLMAKESLYSQLPMD
;
_entity_poly.pdbx_strand_id   A,B
#
loop_
_chem_comp.id
_chem_comp.type
_chem_comp.name
_chem_comp.formula
A1ATF non-polymer 2-[3-fluoro-4-({(7P)-7-[2-(2-methoxyethoxy)phenyl]thieno[2,3-d]pyridazin-4-yl}amino)phenyl]acetamide 'C23 H21 F N4 O3 S'
MG non-polymer 'MAGNESIUM ION' 'Mg 2'
MPD non-polymer (4S)-2-METHYL-2,4-PENTANEDIOL 'C6 H14 O2'
MRD non-polymer (4R)-2-METHYLPENTANE-2,4-DIOL 'C6 H14 O2'
#
# COMPACT_ATOMS: atom_id res chain seq x y z
N MET A 5 -7.48 -11.43 14.22
CA MET A 5 -7.91 -12.31 13.15
C MET A 5 -6.85 -12.35 12.04
N TYR A 6 -6.69 -13.49 11.40
CA TYR A 6 -5.68 -13.39 10.37
C TYR A 6 -6.33 -12.94 9.07
N VAL A 7 -5.47 -12.44 8.21
CA VAL A 7 -5.82 -11.75 6.97
C VAL A 7 -5.21 -12.53 5.83
N TYR A 8 -6.04 -12.93 4.85
CA TYR A 8 -5.55 -13.72 3.74
C TYR A 8 -4.92 -12.83 2.67
N PRO A 9 -4.00 -13.37 1.87
CA PRO A 9 -3.39 -12.61 0.78
C PRO A 9 -4.42 -12.25 -0.27
N PRO A 10 -4.12 -11.29 -1.13
CA PRO A 10 -5.06 -10.90 -2.18
C PRO A 10 -5.51 -12.09 -3.01
N ASN A 11 -6.81 -12.16 -3.24
CA ASN A 11 -7.44 -13.24 -3.99
C ASN A 11 -7.49 -12.77 -5.45
N VAL A 12 -6.41 -13.03 -6.19
CA VAL A 12 -6.20 -12.43 -7.50
C VAL A 12 -5.99 -13.49 -8.57
N GLU A 13 -6.31 -13.13 -9.81
CA GLU A 13 -5.96 -13.93 -10.96
C GLU A 13 -4.47 -13.81 -11.21
N SER A 14 -3.95 -14.73 -12.04
CA SER A 14 -2.50 -14.82 -12.26
CA SER A 14 -2.50 -14.81 -12.25
C SER A 14 -1.94 -13.67 -13.09
N SER A 15 -2.75 -13.02 -13.91
CA SER A 15 -2.29 -11.98 -14.81
C SER A 15 -3.30 -10.83 -14.86
N PRO A 16 -2.86 -9.58 -15.08
CA PRO A 16 -3.81 -8.48 -15.23
C PRO A 16 -4.50 -8.44 -16.60
N GLU A 17 -4.05 -9.22 -17.59
CA GLU A 17 -4.70 -9.22 -18.89
C GLU A 17 -6.05 -9.94 -18.80
N LEU A 18 -7.08 -9.33 -19.40
CA LEU A 18 -8.40 -9.94 -19.35
C LEU A 18 -8.60 -10.92 -20.51
N PRO A 19 -9.17 -12.10 -20.28
CA PRO A 19 -9.60 -12.95 -21.40
C PRO A 19 -10.59 -12.19 -22.25
N LYS A 20 -10.59 -12.46 -23.56
CA LYS A 20 -11.31 -11.60 -24.48
C LYS A 20 -12.79 -11.52 -24.16
N HIS A 21 -13.40 -12.61 -23.68
CA HIS A 21 -14.84 -12.55 -23.40
C HIS A 21 -15.13 -11.65 -22.21
N ILE A 22 -14.18 -11.48 -21.31
CA ILE A 22 -14.37 -10.55 -20.22
C ILE A 22 -14.01 -9.12 -20.63
N TYR A 23 -12.89 -8.97 -21.33
CA TYR A 23 -12.51 -7.65 -21.85
C TYR A 23 -13.66 -7.02 -22.62
N ASN A 24 -14.35 -7.82 -23.41
CA ASN A 24 -15.36 -7.24 -24.30
C ASN A 24 -16.63 -6.84 -23.60
N LYS A 25 -16.77 -7.17 -22.32
CA LYS A 25 -17.88 -6.66 -21.51
C LYS A 25 -17.61 -5.31 -20.87
N LEU A 26 -16.39 -4.80 -20.95
CA LEU A 26 -16.09 -3.48 -20.41
C LEU A 26 -16.86 -2.41 -21.17
N ASP A 27 -17.15 -1.31 -20.51
CA ASP A 27 -17.80 -0.17 -21.15
C ASP A 27 -16.76 0.96 -21.29
N LYS A 28 -16.20 1.09 -22.48
CA LYS A 28 -15.11 2.04 -22.69
C LYS A 28 -14.04 1.91 -21.59
N GLY A 29 -13.72 0.67 -21.26
CA GLY A 29 -12.67 0.38 -20.31
C GLY A 29 -13.09 0.51 -18.87
N GLN A 30 -14.37 0.76 -18.61
CA GLN A 30 -14.82 1.13 -17.28
C GLN A 30 -15.78 0.09 -16.71
N ILE A 31 -15.87 0.08 -15.37
CA ILE A 31 -16.85 -0.70 -14.64
C ILE A 31 -17.51 0.22 -13.63
N ILE A 32 -18.60 -0.27 -13.04
CA ILE A 32 -19.30 0.45 -11.98
C ILE A 32 -19.22 -0.39 -10.70
N VAL A 33 -18.92 0.25 -9.59
CA VAL A 33 -18.83 -0.45 -8.31
C VAL A 33 -19.69 0.29 -7.32
N VAL A 34 -20.19 -0.44 -6.31
CA VAL A 34 -20.92 0.14 -5.19
C VAL A 34 -20.02 0.07 -3.96
N ILE A 35 -19.82 1.21 -3.29
CA ILE A 35 -18.97 1.31 -2.11
C ILE A 35 -19.86 1.64 -0.92
N TRP A 36 -19.89 0.78 0.10
CA TRP A 36 -20.71 0.96 1.29
C TRP A 36 -19.85 1.45 2.45
N VAL A 37 -20.46 2.20 3.37
CA VAL A 37 -19.81 2.55 4.63
C VAL A 37 -20.84 2.45 5.74
N ILE A 38 -20.36 2.13 6.94
CA ILE A 38 -21.21 2.17 8.12
C ILE A 38 -21.02 3.52 8.79
N VAL A 39 -22.12 4.23 9.04
CA VAL A 39 -22.07 5.60 9.55
C VAL A 39 -22.48 5.72 11.03
N ASN A 42 -24.78 4.18 15.15
CA ASN A 42 -26.08 3.78 14.60
C ASN A 42 -25.97 2.54 13.73
N ASN A 43 -24.78 2.29 13.19
CA ASN A 43 -24.56 1.20 12.22
C ASN A 43 -25.48 1.35 11.02
N ASP A 44 -25.90 2.58 10.74
CA ASP A 44 -26.58 2.88 9.49
C ASP A 44 -25.59 2.85 8.33
N LYS A 45 -26.10 2.50 7.14
CA LYS A 45 -25.26 2.35 5.95
C LYS A 45 -25.51 3.48 4.97
N GLN A 46 -24.45 3.85 4.25
CA GLN A 46 -24.50 4.77 3.13
C GLN A 46 -23.66 4.18 2.01
N LYS A 47 -23.98 4.55 0.77
CA LYS A 47 -23.26 4.00 -0.37
C LYS A 47 -22.99 5.09 -1.39
N TYR A 48 -21.92 4.89 -2.14
CA TYR A 48 -21.66 5.58 -3.40
C TYR A 48 -21.66 4.55 -4.51
N THR A 49 -22.13 4.93 -5.69
CA THR A 49 -21.98 4.10 -6.89
C THR A 49 -21.06 4.88 -7.82
N LEU A 50 -19.92 4.28 -8.18
CA LEU A 50 -18.84 4.98 -8.87
C LEU A 50 -18.49 4.26 -10.16
N LYS A 51 -18.28 5.03 -11.23
CA LYS A 51 -17.74 4.49 -12.46
C LYS A 51 -16.22 4.69 -12.43
N ILE A 52 -15.47 3.63 -12.72
CA ILE A 52 -14.02 3.67 -12.60
C ILE A 52 -13.40 2.89 -13.76
N ASN A 53 -12.15 3.21 -14.07
CA ASN A 53 -11.39 2.35 -14.96
C ASN A 53 -11.26 0.96 -14.34
N HIS A 54 -11.39 -0.08 -15.17
CA HIS A 54 -11.39 -1.44 -14.63
C HIS A 54 -10.06 -1.77 -13.96
N ASP A 55 -8.98 -1.11 -14.39
CA ASP A 55 -7.65 -1.40 -13.89
C ASP A 55 -7.18 -0.40 -12.84
N CYS A 56 -8.12 0.38 -12.26
CA CYS A 56 -7.86 1.20 -11.08
C CYS A 56 -7.39 0.29 -9.96
N VAL A 57 -6.40 0.75 -9.19
CA VAL A 57 -5.95 -0.03 -8.03
C VAL A 57 -6.80 0.37 -6.81
N PRO A 58 -6.82 -0.43 -5.74
CA PRO A 58 -7.74 -0.12 -4.63
C PRO A 58 -7.58 1.28 -4.06
N GLU A 59 -6.36 1.79 -3.91
CA GLU A 59 -6.30 3.13 -3.32
C GLU A 59 -6.83 4.19 -4.27
N GLN A 60 -6.87 3.91 -5.58
CA GLN A 60 -7.46 4.88 -6.51
C GLN A 60 -8.98 4.85 -6.43
N VAL A 61 -9.58 3.69 -6.14
CA VAL A 61 -11.01 3.64 -5.83
C VAL A 61 -11.30 4.48 -4.60
N ILE A 62 -10.47 4.35 -3.57
CA ILE A 62 -10.68 5.13 -2.34
C ILE A 62 -10.51 6.60 -2.65
N ALA A 63 -9.54 6.93 -3.52
CA ALA A 63 -9.34 8.32 -3.91
C ALA A 63 -10.58 8.88 -4.63
N GLU A 64 -11.18 8.07 -5.50
CA GLU A 64 -12.38 8.55 -6.17
C GLU A 64 -13.53 8.75 -5.18
N ALA A 65 -13.62 7.90 -4.14
CA ALA A 65 -14.61 8.13 -3.10
C ALA A 65 -14.33 9.41 -2.33
N ILE A 66 -13.06 9.71 -2.07
CA ILE A 66 -12.71 10.95 -1.40
C ILE A 66 -13.09 12.14 -2.29
N ARG A 67 -12.86 12.02 -3.61
CA ARG A 67 -13.25 13.09 -4.54
C ARG A 67 -14.74 13.38 -4.43
N LYS A 68 -15.57 12.33 -4.36
CA LYS A 68 -17.01 12.54 -4.23
C LYS A 68 -17.37 13.12 -2.86
N LYS A 69 -16.73 12.65 -1.80
CA LYS A 69 -17.10 13.10 -0.45
C LYS A 69 -16.77 14.57 -0.24
N THR A 70 -15.71 15.06 -0.88
CA THR A 70 -15.25 16.43 -0.67
C THR A 70 -15.72 17.38 -1.76
N ARG A 71 -16.65 16.97 -2.63
CA ARG A 71 -17.01 17.82 -3.76
C ARG A 71 -17.55 19.17 -3.31
N SER A 72 -18.31 19.21 -2.21
CA SER A 72 -18.89 20.50 -1.80
C SER A 72 -17.87 21.46 -1.22
N MET A 73 -16.62 21.02 -1.01
CA MET A 73 -15.56 21.92 -0.55
C MET A 73 -14.93 22.71 -1.68
N LEU A 74 -15.29 22.44 -2.93
CA LEU A 74 -14.77 23.15 -4.10
C LEU A 74 -13.24 23.20 -4.09
N LEU A 75 -12.64 22.03 -3.90
CA LEU A 75 -11.19 21.87 -3.83
C LEU A 75 -10.54 22.10 -5.20
N SER A 76 -9.34 22.65 -5.20
CA SER A 76 -8.52 22.60 -6.41
C SER A 76 -7.96 21.20 -6.58
N SER A 77 -7.39 20.91 -7.76
CA SER A 77 -6.78 19.61 -7.94
C SER A 77 -5.64 19.43 -6.95
N GLU A 78 -4.89 20.50 -6.67
CA GLU A 78 -3.79 20.35 -5.74
C GLU A 78 -4.30 20.07 -4.34
N GLN A 79 -5.42 20.72 -3.94
CA GLN A 79 -5.98 20.43 -2.64
C GLN A 79 -6.51 19.00 -2.56
N LEU A 80 -7.17 18.54 -3.62
CA LEU A 80 -7.69 17.18 -3.59
C LEU A 80 -6.55 16.16 -3.48
N LYS A 81 -5.45 16.39 -4.19
CA LYS A 81 -4.29 15.50 -4.10
C LYS A 81 -3.76 15.44 -2.67
N LEU A 82 -3.61 16.60 -2.02
CA LEU A 82 -3.19 16.65 -0.63
C LEU A 82 -4.13 15.86 0.27
N CYS A 83 -5.44 16.05 0.08
CA CYS A 83 -6.42 15.33 0.87
C CYS A 83 -6.33 13.83 0.61
N VAL A 84 -6.21 13.43 -0.66
CA VAL A 84 -6.11 12.01 -0.97
C VAL A 84 -4.86 11.40 -0.35
N LEU A 85 -3.73 12.10 -0.43
CA LEU A 85 -2.48 11.57 0.15
C LEU A 85 -2.57 11.43 1.66
N GLU A 86 -3.32 12.30 2.33
CA GLU A 86 -3.44 12.24 3.79
C GLU A 86 -4.35 11.10 4.24
N TYR A 87 -5.44 10.85 3.51
CA TYR A 87 -6.54 10.02 4.00
C TYR A 87 -6.72 8.67 3.33
N GLN A 88 -6.20 8.45 2.12
CA GLN A 88 -6.55 7.21 1.42
C GLN A 88 -5.98 5.99 2.13
N GLY A 89 -4.83 6.13 2.78
CA GLY A 89 -4.20 5.04 3.48
C GLY A 89 -4.83 4.69 4.81
N LYS A 90 -5.80 5.50 5.28
CA LYS A 90 -6.48 5.21 6.53
C LYS A 90 -7.62 4.23 6.34
N TYR A 91 -7.94 3.87 5.09
CA TYR A 91 -9.09 3.05 4.78
C TYR A 91 -8.67 1.85 3.94
N ILE A 92 -9.57 0.85 3.94
CA ILE A 92 -9.38 -0.37 3.16
C ILE A 92 -10.73 -0.76 2.54
N LEU A 93 -10.65 -1.55 1.47
CA LEU A 93 -11.83 -2.11 0.82
C LEU A 93 -11.96 -3.60 1.11
N LYS A 94 -13.18 -4.03 1.42
CA LYS A 94 -13.51 -5.42 1.72
C LYS A 94 -14.63 -5.85 0.79
N VAL A 95 -14.60 -7.10 0.33
CA VAL A 95 -15.74 -7.66 -0.39
C VAL A 95 -16.92 -7.80 0.56
N CYS A 96 -18.09 -7.28 0.16
CA CYS A 96 -19.25 -7.46 1.01
C CYS A 96 -19.57 -8.95 1.17
N GLY A 97 -19.78 -9.36 2.41
CA GLY A 97 -20.24 -10.68 2.74
C GLY A 97 -19.15 -11.71 2.94
N CYS A 98 -17.89 -11.36 2.77
CA CYS A 98 -16.87 -12.34 3.13
C CYS A 98 -15.59 -11.64 3.55
N ASP A 99 -14.69 -12.46 4.11
CA ASP A 99 -13.50 -11.94 4.79
CA ASP A 99 -13.49 -12.03 4.80
C ASP A 99 -12.34 -11.85 3.81
N GLU A 100 -12.53 -10.96 2.83
CA GLU A 100 -11.56 -10.80 1.78
C GLU A 100 -11.40 -9.31 1.50
N TYR A 101 -10.15 -8.86 1.47
CA TYR A 101 -9.85 -7.45 1.36
C TYR A 101 -8.97 -7.20 0.15
N PHE A 102 -8.92 -5.94 -0.29
CA PHE A 102 -8.12 -5.52 -1.44
C PHE A 102 -6.94 -4.70 -0.94
N LEU A 103 -5.96 -5.37 -0.33
CA LEU A 103 -4.92 -4.68 0.42
C LEU A 103 -3.64 -4.43 -0.37
N GLU A 104 -3.51 -4.94 -1.58
CA GLU A 104 -2.30 -4.78 -2.39
C GLU A 104 -2.62 -4.13 -3.73
N LYS A 105 -1.58 -3.57 -4.34
CA LYS A 105 -1.73 -2.85 -5.60
C LYS A 105 -1.82 -3.87 -6.73
N TYR A 106 -3.05 -4.16 -7.12
CA TYR A 106 -3.38 -4.89 -8.32
C TYR A 106 -4.50 -4.11 -9.00
N PRO A 107 -4.58 -4.14 -10.33
CA PRO A 107 -5.78 -3.62 -11.00
C PRO A 107 -7.02 -4.28 -10.40
N LEU A 108 -8.09 -3.50 -10.20
CA LEU A 108 -9.25 -4.09 -9.52
C LEU A 108 -9.76 -5.30 -10.27
N SER A 109 -9.77 -5.25 -11.61
CA SER A 109 -10.28 -6.37 -12.38
C SER A 109 -9.41 -7.62 -12.31
N GLN A 110 -8.23 -7.56 -11.67
CA GLN A 110 -7.44 -8.77 -11.41
C GLN A 110 -7.83 -9.45 -10.10
N TYR A 111 -8.49 -8.74 -9.18
CA TYR A 111 -9.09 -9.42 -8.05
C TYR A 111 -10.21 -10.34 -8.54
N LYS A 112 -10.21 -11.59 -8.08
CA LYS A 112 -11.12 -12.59 -8.65
C LYS A 112 -12.59 -12.19 -8.50
N TYR A 113 -12.94 -11.55 -7.39
CA TYR A 113 -14.33 -11.12 -7.22
C TYR A 113 -14.75 -10.14 -8.31
N ILE A 114 -13.90 -9.16 -8.61
CA ILE A 114 -14.26 -8.16 -9.62
C ILE A 114 -14.32 -8.79 -10.99
N ARG A 115 -13.34 -9.64 -11.32
CA ARG A 115 -13.36 -10.24 -12.64
C ARG A 115 -14.61 -11.07 -12.82
N SER A 116 -15.02 -11.76 -11.76
CA SER A 116 -16.24 -12.56 -11.82
C SER A 116 -17.45 -11.67 -12.05
N CYS A 117 -17.51 -10.55 -11.33
CA CYS A 117 -18.62 -9.60 -11.51
C CYS A 117 -18.69 -9.11 -12.93
N ILE A 118 -17.54 -8.75 -13.52
CA ILE A 118 -17.56 -8.33 -14.94
C ILE A 118 -18.11 -9.44 -15.83
N MET A 119 -17.60 -10.68 -15.65
CA MET A 119 -18.05 -11.81 -16.45
CA MET A 119 -18.06 -11.78 -16.48
C MET A 119 -19.57 -11.99 -16.38
N LEU A 120 -20.13 -11.81 -15.19
CA LEU A 120 -21.54 -12.08 -14.96
C LEU A 120 -22.42 -10.86 -15.15
N GLY A 121 -21.85 -9.68 -15.38
CA GLY A 121 -22.68 -8.49 -15.41
C GLY A 121 -23.30 -8.18 -14.07
N ARG A 122 -22.64 -8.56 -12.97
CA ARG A 122 -23.06 -8.29 -11.62
C ARG A 122 -22.33 -7.07 -11.07
N MET A 123 -23.02 -6.34 -10.21
CA MET A 123 -22.45 -5.15 -9.60
C MET A 123 -21.55 -5.54 -8.42
N PRO A 124 -20.25 -5.20 -8.44
CA PRO A 124 -19.43 -5.43 -7.25
C PRO A 124 -19.92 -4.58 -6.09
N ASN A 125 -20.06 -5.19 -4.92
CA ASN A 125 -20.39 -4.45 -3.70
C ASN A 125 -19.23 -4.59 -2.74
N LEU A 126 -18.65 -3.44 -2.36
CA LEU A 126 -17.47 -3.36 -1.51
C LEU A 126 -17.81 -2.50 -0.31
N MET A 127 -17.16 -2.80 0.82
CA MET A 127 -17.32 -2.07 2.06
C MET A 127 -16.03 -1.29 2.30
N LEU A 128 -16.14 0.00 2.55
CA LEU A 128 -14.98 0.80 2.89
C LEU A 128 -14.88 0.87 4.41
N MET A 129 -13.74 0.45 4.97
CA MET A 129 -13.57 0.30 6.41
C MET A 129 -12.29 1.01 6.86
N ALA A 130 -12.22 1.30 8.17
CA ALA A 130 -10.98 1.84 8.72
C ALA A 130 -9.90 0.76 8.68
N LYS A 131 -8.68 1.16 8.30
CA LYS A 131 -7.59 0.19 8.23
C LYS A 131 -7.33 -0.41 9.61
N GLU A 132 -7.61 0.34 10.69
CA GLU A 132 -7.36 -0.17 12.04
C GLU A 132 -8.24 -1.35 12.39
N SER A 133 -9.34 -1.55 11.66
CA SER A 133 -10.20 -2.71 11.93
C SER A 133 -9.47 -4.03 11.71
N LEU A 134 -8.37 -4.02 10.95
CA LEU A 134 -7.55 -5.20 10.70
C LEU A 134 -6.59 -5.54 11.83
N TYR A 135 -6.29 -4.60 12.72
CA TYR A 135 -5.15 -4.77 13.63
C TYR A 135 -5.45 -5.79 14.73
N SER A 136 -4.47 -6.65 14.95
CA SER A 136 -4.50 -7.62 16.05
C SER A 136 -3.77 -7.02 17.24
N GLN A 137 -4.16 -7.45 18.43
CA GLN A 137 -3.43 -7.10 19.65
C GLN A 137 -2.17 -7.94 19.74
N LEU A 138 -1.06 -7.35 20.16
CA LEU A 138 0.12 -8.18 20.36
C LEU A 138 -0.13 -9.12 21.54
N PRO A 139 0.42 -10.33 21.49
CA PRO A 139 0.16 -11.27 22.60
C PRO A 139 0.91 -10.90 23.89
N HIS B 1 -7.63 -19.66 1.16
CA HIS B 1 -7.34 -19.77 2.60
C HIS B 1 -6.10 -20.62 2.90
N SER B 2 -5.12 -20.64 1.99
CA SER B 2 -3.96 -21.48 2.25
C SER B 2 -2.85 -20.77 3.01
N ARG B 3 -2.84 -19.42 3.06
CA ARG B 3 -1.87 -18.66 3.86
C ARG B 3 -2.56 -17.46 4.49
N ALA B 4 -1.95 -16.91 5.54
CA ALA B 4 -2.53 -15.72 6.19
C ALA B 4 -1.48 -15.03 7.04
N MET B 5 -1.75 -13.75 7.35
CA MET B 5 -0.86 -12.97 8.21
C MET B 5 -1.65 -12.27 9.30
N TYR B 6 -1.00 -12.00 10.44
CA TYR B 6 -1.59 -11.07 11.40
C TYR B 6 -1.04 -9.68 11.09
N VAL B 7 -1.88 -8.65 11.25
CA VAL B 7 -1.49 -7.26 10.98
C VAL B 7 -1.47 -6.54 12.31
N TYR B 8 -0.30 -6.04 12.71
CA TYR B 8 -0.15 -5.29 13.95
C TYR B 8 -0.07 -3.79 13.65
N PRO B 9 -0.38 -2.95 14.60
CA PRO B 9 -0.30 -1.51 14.35
C PRO B 9 1.13 -1.08 14.06
N PRO B 10 1.33 -0.16 13.10
CA PRO B 10 2.68 0.36 12.84
C PRO B 10 3.22 1.05 14.08
N ASN B 11 4.51 0.86 14.36
CA ASN B 11 5.10 1.40 15.58
C ASN B 11 5.59 2.82 15.27
N VAL B 12 4.65 3.77 15.35
CA VAL B 12 4.89 5.12 14.87
C VAL B 12 4.67 6.13 15.98
N GLU B 13 5.35 7.25 15.85
CA GLU B 13 5.07 8.38 16.72
C GLU B 13 3.74 9.03 16.34
N SER B 14 3.18 9.81 17.26
CA SER B 14 1.84 10.33 17.01
C SER B 14 1.80 11.44 15.96
N SER B 15 2.93 12.05 15.64
CA SER B 15 2.94 13.15 14.69
C SER B 15 4.18 13.03 13.81
N PRO B 16 4.09 13.44 12.54
CA PRO B 16 5.29 13.47 11.68
C PRO B 16 6.21 14.66 11.93
N GLU B 17 5.80 15.66 12.73
CA GLU B 17 6.68 16.78 13.00
C GLU B 17 7.80 16.36 13.94
N LEU B 18 9.04 16.73 13.61
CA LEU B 18 10.16 16.34 14.46
C LEU B 18 10.37 17.37 15.57
N PRO B 19 10.60 16.91 16.81
CA PRO B 19 11.04 17.85 17.85
C PRO B 19 12.33 18.54 17.43
N LYS B 20 12.51 19.77 17.90
CA LYS B 20 13.58 20.58 17.32
C LYS B 20 14.96 19.95 17.51
N HIS B 21 15.20 19.24 18.63
CA HIS B 21 16.54 18.68 18.81
C HIS B 21 16.81 17.56 17.81
N ILE B 22 15.76 16.90 17.31
CA ILE B 22 15.91 15.88 16.29
C ILE B 22 15.98 16.53 14.91
N TYR B 23 15.07 17.46 14.64
CA TYR B 23 15.10 18.18 13.37
C TYR B 23 16.47 18.75 13.07
N ASN B 24 17.11 19.32 14.08
CA ASN B 24 18.34 20.06 13.83
C ASN B 24 19.53 19.14 13.64
N LYS B 25 19.36 17.81 13.83
CA LYS B 25 20.42 16.86 13.51
C LYS B 25 20.39 16.36 12.07
N LEU B 26 19.34 16.69 11.31
CA LEU B 26 19.27 16.25 9.92
C LEU B 26 20.37 16.92 9.11
N ASP B 27 20.81 16.22 8.05
CA ASP B 27 21.79 16.79 7.12
C ASP B 27 21.02 17.23 5.89
N LYS B 28 20.74 18.54 5.82
CA LYS B 28 19.90 19.07 4.76
C LYS B 28 18.62 18.23 4.58
N GLY B 29 18.02 17.85 5.71
CA GLY B 29 16.77 17.12 5.70
C GLY B 29 16.91 15.64 5.43
N GLN B 30 18.12 15.10 5.35
CA GLN B 30 18.39 13.73 4.90
C GLN B 30 18.94 12.87 6.03
N ILE B 31 18.75 11.56 5.88
CA ILE B 31 19.34 10.57 6.76
C ILE B 31 19.94 9.48 5.88
N ILE B 32 20.75 8.63 6.51
CA ILE B 32 21.35 7.49 5.83
C ILE B 32 20.83 6.23 6.49
N VAL B 33 20.47 5.23 5.68
CA VAL B 33 19.97 3.96 6.18
C VAL B 33 20.73 2.81 5.52
N VAL B 34 20.85 1.67 6.21
CA VAL B 34 21.44 0.46 5.64
C VAL B 34 20.32 -0.53 5.38
N ILE B 35 20.26 -1.05 4.15
CA ILE B 35 19.23 -2.00 3.74
C ILE B 35 19.91 -3.32 3.45
N TRP B 36 19.49 -4.38 4.15
CA TRP B 36 20.06 -5.71 3.97
C TRP B 36 19.12 -6.59 3.17
N VAL B 37 19.68 -7.55 2.43
CA VAL B 37 18.89 -8.60 1.81
C VAL B 37 19.63 -9.92 2.00
N ILE B 38 18.86 -11.00 2.07
CA ILE B 38 19.42 -12.35 2.09
C ILE B 38 19.42 -12.87 0.66
N VAL B 39 20.59 -13.33 0.19
CA VAL B 39 20.73 -13.79 -1.17
C VAL B 39 20.84 -15.33 -1.21
N ASP B 44 23.43 -16.00 2.91
CA ASP B 44 24.39 -14.90 2.71
C ASP B 44 23.65 -13.56 2.63
N LYS B 45 24.28 -12.50 3.11
CA LYS B 45 23.66 -11.18 3.15
C LYS B 45 24.37 -10.20 2.24
N GLN B 46 23.62 -9.24 1.71
CA GLN B 46 24.18 -8.10 0.99
C GLN B 46 23.52 -6.83 1.51
N LYS B 47 24.23 -5.70 1.39
CA LYS B 47 23.65 -4.45 1.87
C LYS B 47 23.87 -3.34 0.85
N TYR B 48 22.94 -2.40 0.86
CA TYR B 48 23.08 -1.08 0.26
C TYR B 48 23.08 -0.04 1.37
N THR B 49 23.84 1.03 1.21
CA THR B 49 23.74 2.16 2.10
C THR B 49 23.19 3.34 1.31
N LEU B 50 22.05 3.88 1.75
CA LEU B 50 21.27 4.85 0.98
C LEU B 50 21.09 6.12 1.79
N LYS B 51 21.27 7.26 1.12
CA LYS B 51 20.93 8.55 1.69
C LYS B 51 19.54 8.93 1.19
N ILE B 52 18.64 9.32 2.11
CA ILE B 52 17.24 9.56 1.74
C ILE B 52 16.72 10.77 2.52
N ASN B 53 15.67 11.40 1.99
CA ASN B 53 14.97 12.39 2.80
C ASN B 53 14.39 11.71 4.03
N HIS B 54 14.43 12.40 5.18
CA HIS B 54 13.98 11.75 6.41
C HIS B 54 12.52 11.35 6.33
N ASP B 55 11.73 12.06 5.53
CA ASP B 55 10.31 11.79 5.44
C ASP B 55 9.93 10.92 4.24
N CYS B 56 10.90 10.25 3.62
CA CYS B 56 10.57 9.25 2.61
C CYS B 56 9.70 8.18 3.23
N VAL B 57 8.71 7.72 2.47
CA VAL B 57 7.88 6.60 2.92
C VAL B 57 8.53 5.28 2.54
N PRO B 58 8.15 4.17 3.17
CA PRO B 58 8.85 2.90 2.93
C PRO B 58 8.92 2.51 1.46
N GLU B 59 7.85 2.71 0.69
CA GLU B 59 7.94 2.30 -0.71
C GLU B 59 8.93 3.14 -1.49
N GLN B 60 9.20 4.36 -1.05
CA GLN B 60 10.19 5.23 -1.70
CA GLN B 60 10.18 5.16 -1.77
C GLN B 60 11.61 4.78 -1.37
N VAL B 61 11.83 4.29 -0.15
CA VAL B 61 13.12 3.63 0.14
C VAL B 61 13.31 2.43 -0.77
N ILE B 62 12.26 1.62 -0.94
CA ILE B 62 12.39 0.44 -1.79
C ILE B 62 12.65 0.88 -3.22
N ALA B 63 12.01 1.98 -3.66
CA ALA B 63 12.27 2.49 -5.00
C ALA B 63 13.72 2.91 -5.15
N GLU B 64 14.30 3.55 -4.13
CA GLU B 64 15.72 3.89 -4.24
C GLU B 64 16.59 2.65 -4.31
N ALA B 65 16.20 1.58 -3.58
CA ALA B 65 16.96 0.34 -3.66
C ALA B 65 16.86 -0.27 -5.05
N ILE B 66 15.68 -0.16 -5.67
CA ILE B 66 15.51 -0.67 -7.02
C ILE B 66 16.34 0.16 -8.00
N ARG B 67 16.40 1.47 -7.80
CA ARG B 67 17.23 2.31 -8.65
C ARG B 67 18.68 1.84 -8.60
N LYS B 68 19.19 1.53 -7.40
CA LYS B 68 20.56 1.06 -7.26
C LYS B 68 20.73 -0.32 -7.87
N LYS B 69 19.76 -1.21 -7.66
CA LYS B 69 19.87 -2.57 -8.17
C LYS B 69 19.90 -2.62 -9.69
N THR B 70 19.18 -1.72 -10.35
CA THR B 70 19.04 -1.75 -11.81
C THR B 70 20.02 -0.83 -12.51
N ARG B 71 21.02 -0.32 -11.78
CA ARG B 71 21.95 0.64 -12.37
C ARG B 71 22.59 0.12 -13.65
N SER B 72 22.95 -1.17 -13.67
CA SER B 72 23.67 -1.69 -14.83
C SER B 72 22.77 -1.85 -16.05
N MET B 73 21.46 -1.71 -15.88
CA MET B 73 20.52 -1.78 -16.99
C MET B 73 20.38 -0.48 -17.75
N LEU B 74 21.04 0.59 -17.29
CA LEU B 74 21.05 1.87 -18.00
C LEU B 74 19.63 2.38 -18.28
N LEU B 75 18.76 2.29 -17.28
CA LEU B 75 17.37 2.66 -17.48
C LEU B 75 17.19 4.16 -17.69
N SER B 76 16.23 4.52 -18.55
CA SER B 76 15.79 5.90 -18.64
C SER B 76 14.92 6.23 -17.45
N SER B 77 14.63 7.53 -17.27
CA SER B 77 13.80 7.88 -16.12
C SER B 77 12.43 7.23 -16.20
N GLU B 78 11.87 7.11 -17.42
CA GLU B 78 10.56 6.49 -17.59
C GLU B 78 10.63 4.97 -17.37
N GLN B 79 11.70 4.33 -17.83
CA GLN B 79 11.85 2.89 -17.58
C GLN B 79 11.99 2.61 -16.09
N LEU B 80 12.76 3.42 -15.37
CA LEU B 80 12.88 3.21 -13.93
C LEU B 80 11.52 3.34 -13.25
N LYS B 81 10.73 4.33 -13.67
CA LYS B 81 9.40 4.51 -13.11
C LYS B 81 8.54 3.26 -13.32
N LEU B 82 8.54 2.72 -14.55
CA LEU B 82 7.74 1.52 -14.84
C LEU B 82 8.18 0.38 -13.94
N CYS B 83 9.50 0.22 -13.80
CA CYS B 83 10.04 -0.84 -12.95
CA CYS B 83 10.04 -0.83 -12.95
C CYS B 83 9.61 -0.65 -11.50
N VAL B 84 9.76 0.56 -10.97
CA VAL B 84 9.39 0.85 -9.58
C VAL B 84 7.90 0.61 -9.35
N LEU B 85 7.05 1.07 -10.27
CA LEU B 85 5.61 0.90 -10.07
C LEU B 85 5.20 -0.57 -10.09
N GLU B 86 5.89 -1.39 -10.87
CA GLU B 86 5.57 -2.81 -10.91
C GLU B 86 6.04 -3.54 -9.66
N TYR B 87 7.22 -3.22 -9.15
CA TYR B 87 7.87 -4.08 -8.18
C TYR B 87 7.96 -3.52 -6.76
N GLN B 88 7.79 -2.21 -6.56
CA GLN B 88 8.03 -1.70 -5.21
C GLN B 88 7.01 -2.28 -4.23
N GLY B 89 5.80 -2.55 -4.69
CA GLY B 89 4.79 -3.13 -3.82
C GLY B 89 5.01 -4.59 -3.52
N LYS B 90 6.00 -5.23 -4.15
CA LYS B 90 6.29 -6.64 -3.94
C LYS B 90 7.22 -6.89 -2.76
N TYR B 91 7.72 -5.84 -2.13
CA TYR B 91 8.71 -5.94 -1.07
C TYR B 91 8.23 -5.12 0.12
N ILE B 92 8.87 -5.39 1.26
CA ILE B 92 8.59 -4.72 2.51
C ILE B 92 9.90 -4.53 3.25
N LEU B 93 9.90 -3.62 4.21
CA LEU B 93 11.03 -3.38 5.09
C LEU B 93 10.71 -3.84 6.51
N LYS B 94 11.70 -4.48 7.14
CA LYS B 94 11.62 -4.96 8.51
C LYS B 94 12.79 -4.39 9.29
N VAL B 95 12.55 -4.01 10.55
CA VAL B 95 13.65 -3.58 11.42
C VAL B 95 14.52 -4.79 11.73
N CYS B 96 15.83 -4.64 11.54
CA CYS B 96 16.76 -5.73 11.89
C CYS B 96 16.72 -5.99 13.39
N GLY B 97 16.64 -7.26 13.76
CA GLY B 97 16.73 -7.60 15.16
C GLY B 97 15.42 -7.61 15.90
N CYS B 98 14.30 -7.31 15.24
CA CYS B 98 13.01 -7.51 15.88
C CYS B 98 11.98 -7.79 14.81
N ASP B 99 10.76 -8.12 15.25
CA ASP B 99 9.66 -8.53 14.37
C ASP B 99 8.77 -7.38 13.99
N GLU B 100 9.34 -6.23 13.66
CA GLU B 100 8.58 -5.02 13.41
C GLU B 100 8.72 -4.65 11.96
N TYR B 101 7.60 -4.33 11.29
CA TYR B 101 7.62 -4.02 9.86
C TYR B 101 7.15 -2.60 9.59
N PHE B 102 7.51 -2.09 8.43
CA PHE B 102 7.11 -0.74 7.99
C PHE B 102 6.07 -0.87 6.88
N LEU B 103 4.86 -1.32 7.24
CA LEU B 103 3.88 -1.70 6.22
C LEU B 103 2.96 -0.58 5.79
N GLU B 104 3.00 0.59 6.45
CA GLU B 104 2.10 1.67 6.11
C GLU B 104 2.87 2.90 5.67
N LYS B 105 2.18 3.75 4.91
CA LYS B 105 2.80 4.92 4.31
C LYS B 105 2.87 6.03 5.36
N TYR B 106 3.98 6.05 6.07
CA TYR B 106 4.34 7.10 7.01
C TYR B 106 5.74 7.56 6.63
N PRO B 107 6.07 8.84 6.86
CA PRO B 107 7.47 9.26 6.74
C PRO B 107 8.33 8.35 7.57
N LEU B 108 9.49 7.97 7.03
CA LEU B 108 10.33 7.01 7.74
C LEU B 108 10.65 7.50 9.14
N SER B 109 10.90 8.81 9.27
CA SER B 109 11.27 9.38 10.56
C SER B 109 10.13 9.38 11.58
N GLN B 110 8.91 9.04 11.19
CA GLN B 110 7.81 8.90 12.14
C GLN B 110 7.73 7.50 12.75
N TYR B 111 8.35 6.51 12.11
CA TYR B 111 8.50 5.22 12.77
C TYR B 111 9.45 5.38 13.95
N LYS B 112 9.05 4.85 15.10
CA LYS B 112 9.80 5.08 16.33
C LYS B 112 11.25 4.61 16.22
N TYR B 113 11.49 3.49 15.53
CA TYR B 113 12.86 3.01 15.38
C TYR B 113 13.74 4.05 14.69
N ILE B 114 13.22 4.65 13.62
CA ILE B 114 14.01 5.61 12.85
C ILE B 114 14.21 6.89 13.66
N ARG B 115 13.15 7.38 14.30
CA ARG B 115 13.32 8.62 15.05
C ARG B 115 14.33 8.42 16.16
N SER B 116 14.31 7.25 16.79
CA SER B 116 15.30 6.96 17.82
C SER B 116 16.71 6.99 17.25
N CYS B 117 16.91 6.38 16.07
CA CYS B 117 18.23 6.37 15.44
C CYS B 117 18.74 7.78 15.18
N ILE B 118 17.89 8.64 14.63
CA ILE B 118 18.28 10.03 14.42
C ILE B 118 18.69 10.68 15.74
N MET B 119 17.85 10.54 16.78
CA MET B 119 18.19 11.22 18.03
C MET B 119 19.50 10.70 18.62
N LEU B 120 19.79 9.41 18.45
CA LEU B 120 20.98 8.81 19.01
C LEU B 120 22.18 8.86 18.07
N GLY B 121 22.01 9.35 16.84
CA GLY B 121 23.10 9.24 15.88
C GLY B 121 23.49 7.82 15.50
N ARG B 122 22.56 6.88 15.57
CA ARG B 122 22.80 5.49 15.19
C ARG B 122 22.32 5.24 13.77
N MET B 123 22.98 4.29 13.10
CA MET B 123 22.58 3.91 11.73
C MET B 123 21.37 2.96 11.72
N PRO B 124 20.24 3.34 11.09
CA PRO B 124 19.15 2.37 10.96
C PRO B 124 19.57 1.20 10.10
N ASN B 125 19.28 -0.01 10.57
CA ASN B 125 19.50 -1.23 9.80
C ASN B 125 18.17 -1.90 9.55
N LEU B 126 17.81 -2.06 8.28
CA LEU B 126 16.53 -2.61 7.88
C LEU B 126 16.78 -3.79 6.96
N MET B 127 15.86 -4.76 6.98
CA MET B 127 15.94 -5.91 6.09
C MET B 127 14.88 -5.75 5.00
N LEU B 128 15.28 -5.89 3.74
CA LEU B 128 14.31 -5.91 2.65
C LEU B 128 13.90 -7.36 2.39
N MET B 129 12.59 -7.60 2.40
CA MET B 129 12.01 -8.93 2.26
C MET B 129 10.87 -8.91 1.23
N ALA B 130 10.54 -10.08 0.68
CA ALA B 130 9.37 -10.17 -0.19
C ALA B 130 8.09 -10.01 0.64
N LYS B 131 7.12 -9.25 0.11
CA LYS B 131 5.86 -9.07 0.84
C LYS B 131 5.15 -10.39 1.09
N GLU B 132 5.32 -11.36 0.19
CA GLU B 132 4.65 -12.64 0.36
C GLU B 132 5.14 -13.39 1.59
N SER B 133 6.34 -13.05 2.09
CA SER B 133 6.85 -13.67 3.30
C SER B 133 6.03 -13.33 4.54
N LEU B 134 5.15 -12.32 4.48
CA LEU B 134 4.35 -11.99 5.65
C LEU B 134 3.30 -13.06 5.94
N TYR B 135 2.81 -13.76 4.92
CA TYR B 135 1.70 -14.69 5.08
C TYR B 135 2.23 -16.08 5.44
N SER B 136 1.72 -16.69 6.53
CA SER B 136 2.14 -18.02 6.95
C SER B 136 1.25 -19.10 6.34
N GLN B 137 1.83 -20.27 6.08
CA GLN B 137 1.01 -21.36 5.56
C GLN B 137 0.04 -21.85 6.62
N LEU B 138 -1.22 -22.10 6.22
CA LEU B 138 -2.31 -22.67 7.01
C LEU B 138 -2.56 -24.13 6.64
N PRO B 139 -3.04 -24.92 7.58
CA PRO B 139 -3.24 -26.35 7.31
C PRO B 139 -4.43 -26.58 6.37
N MET B 140 -4.34 -27.63 5.57
CA MET B 140 -5.50 -28.05 4.81
C MET B 140 -6.51 -28.70 5.75
C7 A1ATF C . -23.13 11.42 5.20
C4 A1ATF C . -22.81 13.66 6.30
C3 A1ATF C . -23.69 12.43 6.18
C8 A1ATF C . -23.36 11.55 3.84
C9 A1ATF C . -22.86 10.64 2.92
C10 A1ATF C . -22.10 9.55 3.38
C11 A1ATF C . -21.88 9.42 4.74
C12 A1ATF C . -22.38 10.33 5.65
C15 A1ATF C . -20.18 8.38 2.45
C18 A1ATF C . -17.44 8.10 2.44
C19 A1ATF C . -18.21 7.19 1.69
C20 A1ATF C . -19.61 7.33 1.69
C22 A1ATF C . -19.35 5.46 0.32
C23 A1ATF C . -20.25 6.29 0.88
C24 A1ATF C . -15.96 8.03 2.47
C25 A1ATF C . -15.24 7.74 3.65
C26 A1ATF C . -13.85 7.67 3.65
C27 A1ATF C . -13.13 7.86 2.48
C28 A1ATF C . -13.82 8.13 1.32
C29 A1ATF C . -15.20 8.21 1.30
C31 A1ATF C . -15.44 6.87 5.93
C32 A1ATF C . -16.46 6.77 7.03
C34 A1ATF C . -16.40 8.70 8.42
F13 A1ATF C . -21.13 8.36 5.17
N14 A1ATF C . -21.53 8.60 2.52
N16 A1ATF C . -19.39 9.23 3.15
N17 A1ATF C . -18.05 9.08 3.14
N5 A1ATF C . -21.56 13.58 5.84
O30 A1ATF C . -15.99 7.55 4.79
O33 A1ATF C . -17.00 8.05 7.31
O6 A1ATF C . -23.22 14.71 6.81
S21 A1ATF C . -17.70 5.87 0.72
MG MG D . -16.00 -0.24 -25.52
MG MG E . -23.93 7.77 -5.29
MG MG F . -19.64 -6.91 4.66
C1 MRD G . -23.27 -4.26 -13.49
C2 MRD G . -22.41 -3.84 -14.68
O2 MRD G . -22.32 -2.44 -14.60
CM MRD G . -23.12 -4.23 -16.00
C3 MRD G . -20.99 -4.46 -14.61
C4 MRD G . -20.19 -4.18 -13.35
O4 MRD G . -20.03 -2.77 -13.18
C5 MRD G . -18.85 -4.88 -13.32
C7 A1ATF H . 24.11 -9.20 -6.10
C4 A1ATF H . 23.86 -10.19 -8.38
C3 A1ATF H . 24.58 -10.25 -7.05
C8 A1ATF H . 24.62 -7.90 -6.08
C9 A1ATF H . 24.13 -6.96 -5.16
C10 A1ATF H . 23.11 -7.33 -4.27
C11 A1ATF H . 22.63 -8.64 -4.31
C12 A1ATF H . 23.09 -9.56 -5.21
C15 A1ATF H . 21.21 -6.11 -3.36
C18 A1ATF H . 18.50 -5.61 -3.71
C19 A1ATF H . 19.16 -5.12 -2.56
C20 A1ATF H . 20.53 -5.38 -2.35
C22 A1ATF H . 20.03 -4.16 -0.42
C23 A1ATF H . 21.02 -4.79 -1.09
C24 A1ATF H . 17.06 -5.39 -3.97
C25 A1ATF H . 16.10 -6.42 -4.09
C26 A1ATF H . 14.76 -6.13 -4.35
C27 A1ATF H . 14.35 -4.82 -4.50
C28 A1ATF H . 15.26 -3.78 -4.36
C29 A1ATF H . 16.60 -4.06 -4.12
C31 A1ATF H . 15.92 -8.86 -3.47
C32 A1ATF H . 16.89 -10.01 -3.48
C34 A1ATF H . 18.85 -10.20 -4.85
F13 A1ATF H . 21.64 -9.00 -3.44
N14 A1ATF H . 22.54 -6.46 -3.33
N16 A1ATF H . 20.53 -6.56 -4.42
N17 A1ATF H . 19.21 -6.33 -4.61
N5 A1ATF H . 22.73 -9.48 -8.41
O30 A1ATF H . 16.61 -7.68 -3.94
O33 A1ATF H . 17.45 -10.07 -4.78
O6 A1ATF H . 24.30 -10.81 -9.35
S21 A1ATF H . 18.49 -4.22 -1.24
C1 MRD I . 24.10 9.18 9.60
C2 MRD I . 23.84 9.00 11.09
O2 MRD I . 24.52 10.05 11.76
CM MRD I . 24.41 7.66 11.54
C3 MRD I . 22.33 9.11 11.41
C4 MRD I . 21.36 8.11 10.80
O4 MRD I . 21.45 8.12 9.41
C5 MRD I . 19.92 8.39 11.14
C1 MPD J . -1.78 -4.76 6.20
C2 MPD J . -1.17 -3.96 5.06
O2 MPD J . -0.84 -2.69 5.57
CM MPD J . -2.20 -3.81 3.98
C3 MPD J . 0.09 -4.60 4.43
C4 MPD J . -0.14 -5.69 3.41
O4 MPD J . -0.07 -5.16 2.11
C5 MPD J . 0.86 -6.81 3.50
#